data_6D7N
#
_entry.id   6D7N
#
_cell.length_a   78.402
_cell.length_b   90.637
_cell.length_c   100.831
_cell.angle_alpha   90.00
_cell.angle_beta   90.00
_cell.angle_gamma   90.00
#
_symmetry.space_group_name_H-M   'P 21 21 21'
#
loop_
_entity.id
_entity.type
_entity.pdbx_description
1 polymer 'Peroxidase,Importin subunit alpha-1'
2 non-polymer 1,2-ETHANEDIOL
3 water water
#
_entity_poly.entity_id   1
_entity_poly.type   'polypeptide(L)'
_entity_poly.pdbx_seq_one_letter_code
;MHHHHHHSSGLVPRGSGMKETAAAKFERQHMDSPDLGTDDDDKAMADIGSNQGTVNWSVEDIVKGINSNNLESQLQATQA
ARKLLSREKQPPIDNIIRAGLIPKFVSFLGKTDCSPIQFESAWALTNIASGTSEQTKAVVDGGAIPAFISLLASPHAHIS
EQAVWALGNIAGDGSAFRDLVIKHGAIDPLLALLAVPDLSTLACGYLRNLTWTLSNLCRNKNPAPPLDAVEQILPTLVRL
LHHNDPEVLADSCWAISYLTDGPNERIEMVVKKGVVPQLVKLLGATELPIVTPALRAIGNIVTGTDEQTQKVIDAGALAV
FPSLLTNPKTNIQKEATRTMSNITAGRQDQIQQVVNHGLVPFLVGVLSKADFKTQKEAARAITNYTSGGTVEQIVYLVHC
GIIEPLMNLLSAKDTKIIQVILDAISNIFQAAEKLGETEKLSIMIEECGGLDKIEALQRHENESVYKASLNLIEKYFSVE
EEEDQNVVPETTSEGFAFQVQDGAPGTFNF
;
_entity_poly.pdbx_strand_id   B
#
loop_
_chem_comp.id
_chem_comp.type
_chem_comp.name
_chem_comp.formula
EDO non-polymer 1,2-ETHANEDIOL 'C2 H6 O2'
#
# COMPACT_ATOMS: atom_id res chain seq x y z
N GLY A 53 -6.18 21.46 37.08
CA GLY A 53 -5.85 20.39 38.00
C GLY A 53 -4.54 19.66 37.67
N THR A 54 -4.56 18.87 36.59
CA THR A 54 -3.35 18.34 36.00
C THR A 54 -2.98 19.07 34.68
N VAL A 55 -3.42 20.33 34.52
CA VAL A 55 -3.26 21.07 33.27
C VAL A 55 -1.92 21.82 33.28
N ASN A 56 -1.18 21.73 32.16
CA ASN A 56 0.01 22.53 31.87
C ASN A 56 1.05 22.46 33.00
N TRP A 57 1.36 21.26 33.48
CA TRP A 57 2.49 21.15 34.40
C TRP A 57 3.81 21.26 33.64
N SER A 58 4.83 21.65 34.39
CA SER A 58 6.19 21.58 33.90
C SER A 58 6.73 20.17 34.03
N VAL A 59 7.70 19.83 33.17
CA VAL A 59 8.41 18.56 33.32
C VAL A 59 9.00 18.43 34.71
N GLU A 60 9.48 19.54 35.27
CA GLU A 60 10.08 19.48 36.60
C GLU A 60 9.05 19.06 37.64
N ASP A 61 7.85 19.63 37.60
CA ASP A 61 6.81 19.23 38.55
C ASP A 61 6.39 17.79 38.34
N ILE A 62 6.26 17.37 37.07
CA ILE A 62 5.96 15.97 36.76
C ILE A 62 7.00 15.07 37.39
N VAL A 63 8.28 15.43 37.27
CA VAL A 63 9.34 14.62 37.87
C VAL A 63 9.21 14.60 39.40
N LYS A 64 8.91 15.74 39.99
CA LYS A 64 8.83 15.77 41.45
C LYS A 64 7.69 14.87 41.95
N GLY A 65 6.57 14.82 41.23
CA GLY A 65 5.48 13.97 41.67
C GLY A 65 5.77 12.49 41.46
N ILE A 66 6.39 12.16 40.33
CA ILE A 66 6.64 10.76 40.02
C ILE A 66 7.67 10.18 40.96
N ASN A 67 8.57 11.00 41.50
CA ASN A 67 9.55 10.55 42.49
C ASN A 67 9.07 10.61 43.94
N SER A 68 7.87 11.10 44.22
CA SER A 68 7.37 11.06 45.58
C SER A 68 7.15 9.60 45.98
N ASN A 69 7.07 9.33 47.27
CA ASN A 69 6.76 7.94 47.62
C ASN A 69 5.25 7.68 47.70
N ASN A 70 4.46 8.37 46.90
CA ASN A 70 3.02 8.53 47.14
C ASN A 70 2.26 8.18 45.87
N LEU A 71 1.59 7.02 45.89
CA LEU A 71 1.01 6.47 44.66
C LEU A 71 -0.01 7.43 44.06
N GLU A 72 -0.78 8.08 44.90
CA GLU A 72 -1.72 9.07 44.39
C GLU A 72 -0.99 10.27 43.80
N SER A 73 0.07 10.75 44.44
CA SER A 73 0.86 11.80 43.81
C SER A 73 1.45 11.32 42.50
N GLN A 74 1.89 10.06 42.47
CA GLN A 74 2.45 9.54 41.23
C GLN A 74 1.40 9.51 40.14
N LEU A 75 0.19 9.09 40.48
CA LEU A 75 -0.90 9.06 39.50
C LEU A 75 -1.21 10.45 38.96
N GLN A 76 -1.36 11.43 39.87
N GLN A 76 -1.31 11.46 39.83
CA GLN A 76 -1.57 12.85 39.50
CA GLN A 76 -1.64 12.80 39.37
C GLN A 76 -0.58 13.27 38.44
C GLN A 76 -0.56 13.33 38.42
N ALA A 77 0.71 13.06 38.74
CA ALA A 77 1.79 13.51 37.86
C ALA A 77 1.87 12.70 36.58
N THR A 78 1.59 11.39 36.65
CA THR A 78 1.55 10.63 35.41
C THR A 78 0.48 11.18 34.50
N GLN A 79 -0.68 11.51 35.06
CA GLN A 79 -1.75 12.07 34.24
C GLN A 79 -1.35 13.42 33.67
N ALA A 80 -0.69 14.26 34.47
CA ALA A 80 -0.18 15.52 33.96
C ALA A 80 0.78 15.29 32.80
N ALA A 81 1.65 14.29 32.92
CA ALA A 81 2.50 13.89 31.79
C ALA A 81 1.67 13.52 30.56
N ARG A 82 0.66 12.68 30.74
CA ARG A 82 -0.16 12.32 29.59
C ARG A 82 -0.71 13.58 28.91
N LYS A 83 -1.16 14.55 29.70
CA LYS A 83 -1.82 15.70 29.09
C LYS A 83 -0.84 16.55 28.32
N LEU A 84 0.36 16.74 28.84
CA LEU A 84 1.42 17.42 28.09
C LEU A 84 1.70 16.73 26.78
N LEU A 85 1.91 15.40 26.84
CA LEU A 85 2.29 14.67 25.64
C LEU A 85 1.17 14.60 24.64
N SER A 86 -0.02 15.07 25.02
CA SER A 86 -1.23 15.05 24.22
C SER A 86 -1.53 16.35 23.52
N ARG A 87 -0.78 17.43 23.82
CA ARG A 87 -1.13 18.73 23.27
C ARG A 87 -0.70 18.83 21.81
N GLU A 88 -1.55 19.47 21.00
CA GLU A 88 -1.37 19.48 19.56
C GLU A 88 -0.03 20.09 19.16
N LYS A 89 0.30 21.24 19.73
CA LYS A 89 1.49 21.97 19.34
C LYS A 89 2.68 21.42 20.11
N GLN A 90 3.55 20.74 19.40
CA GLN A 90 4.90 20.46 19.87
C GLN A 90 4.91 19.88 21.27
N PRO A 91 4.47 18.64 21.44
CA PRO A 91 4.56 18.00 22.75
C PRO A 91 6.01 17.80 23.15
N PRO A 92 6.34 18.08 24.40
CA PRO A 92 7.72 17.96 24.86
C PRO A 92 8.22 16.54 25.06
N ILE A 93 8.16 15.72 24.00
CA ILE A 93 8.52 14.32 24.12
C ILE A 93 9.96 14.14 24.59
N ASP A 94 10.90 14.86 23.95
CA ASP A 94 12.32 14.62 24.27
C ASP A 94 12.66 15.09 25.68
N ASN A 95 12.03 16.17 26.13
CA ASN A 95 12.20 16.62 27.52
C ASN A 95 11.74 15.57 28.50
N ILE A 96 10.61 14.93 28.19
CA ILE A 96 10.13 13.83 29.01
C ILE A 96 11.10 12.67 28.99
N ILE A 97 11.63 12.32 27.82
CA ILE A 97 12.60 11.22 27.74
C ILE A 97 13.84 11.58 28.53
N ARG A 98 14.36 12.79 28.28
CA ARG A 98 15.58 13.25 28.93
C ARG A 98 15.46 13.20 30.45
N ALA A 99 14.25 13.49 30.99
CA ALA A 99 14.00 13.46 32.42
C ALA A 99 14.05 12.05 32.99
N GLY A 100 14.22 11.02 32.14
CA GLY A 100 14.26 9.65 32.61
C GLY A 100 12.92 9.06 32.99
N LEU A 101 11.79 9.58 32.45
CA LEU A 101 10.49 9.10 32.92
C LEU A 101 9.99 7.80 32.27
N ILE A 102 10.54 7.37 31.12
CA ILE A 102 10.06 6.14 30.47
C ILE A 102 10.13 4.94 31.40
N PRO A 103 11.25 4.65 32.05
CA PRO A 103 11.28 3.51 32.98
C PRO A 103 10.21 3.59 34.06
N LYS A 104 9.93 4.78 34.57
CA LYS A 104 8.93 4.88 35.63
C LYS A 104 7.52 4.61 35.08
N PHE A 105 7.19 5.19 33.92
CA PHE A 105 5.94 4.83 33.24
C PHE A 105 5.84 3.33 32.98
N VAL A 106 6.89 2.73 32.44
CA VAL A 106 6.82 1.31 32.17
C VAL A 106 6.54 0.53 33.46
N SER A 107 7.17 0.94 34.57
CA SER A 107 6.93 0.22 35.81
C SER A 107 5.49 0.38 36.27
N PHE A 108 4.90 1.55 36.02
CA PHE A 108 3.49 1.75 36.37
C PHE A 108 2.57 0.86 35.54
N LEU A 109 2.97 0.44 34.34
CA LEU A 109 2.15 -0.49 33.55
C LEU A 109 1.82 -1.75 34.34
N GLY A 110 2.70 -2.15 35.25
CA GLY A 110 2.47 -3.33 36.04
C GLY A 110 1.70 -3.15 37.35
N LYS A 111 1.20 -1.96 37.66
CA LYS A 111 0.45 -1.78 38.90
C LYS A 111 -1.01 -2.19 38.69
N THR A 112 -1.24 -3.51 38.68
CA THR A 112 -2.58 -4.06 38.49
C THR A 112 -3.55 -3.55 39.56
N ASP A 113 -3.05 -3.25 40.75
CA ASP A 113 -3.84 -2.73 41.86
C ASP A 113 -4.30 -1.29 41.67
N CYS A 114 -3.68 -0.55 40.75
CA CYS A 114 -4.05 0.84 40.47
C CYS A 114 -4.23 0.99 38.95
N SER A 115 -5.37 0.55 38.44
CA SER A 115 -5.57 0.54 37.00
C SER A 115 -5.56 1.95 36.38
N PRO A 116 -5.94 3.03 37.08
CA PRO A 116 -5.78 4.37 36.46
C PRO A 116 -4.34 4.75 36.17
N ILE A 117 -3.36 4.32 36.97
CA ILE A 117 -2.00 4.69 36.63
C ILE A 117 -1.48 3.79 35.52
N GLN A 118 -1.98 2.57 35.44
CA GLN A 118 -1.76 1.77 34.23
C GLN A 118 -2.23 2.50 32.99
N PHE A 119 -3.41 3.10 33.06
CA PHE A 119 -3.98 3.75 31.88
C PHE A 119 -3.20 5.01 31.52
N GLU A 120 -2.94 5.86 32.50
CA GLU A 120 -2.27 7.14 32.22
C GLU A 120 -0.85 6.90 31.72
N SER A 121 -0.14 5.94 32.30
CA SER A 121 1.21 5.69 31.83
C SER A 121 1.19 4.99 30.48
N ALA A 122 0.19 4.17 30.21
CA ALA A 122 0.07 3.56 28.89
C ALA A 122 -0.17 4.61 27.84
N TRP A 123 -0.99 5.59 28.16
CA TRP A 123 -1.30 6.65 27.22
C TRP A 123 -0.13 7.62 27.06
N ALA A 124 0.58 7.93 28.15
CA ALA A 124 1.82 8.71 28.01
C ALA A 124 2.83 8.01 27.12
N LEU A 125 3.01 6.70 27.36
CA LEU A 125 3.98 5.93 26.59
C LEU A 125 3.58 5.83 25.13
N THR A 126 2.29 5.73 24.87
CA THR A 126 1.77 5.68 23.53
C THR A 126 2.08 6.96 22.75
N ASN A 127 1.89 8.12 23.36
CA ASN A 127 2.21 9.35 22.66
C ASN A 127 3.72 9.49 22.41
N ILE A 128 4.56 8.91 23.27
CA ILE A 128 5.98 8.89 22.95
C ILE A 128 6.26 7.96 21.77
N ALA A 129 5.67 6.77 21.78
CA ALA A 129 5.97 5.75 20.78
C ALA A 129 5.38 6.08 19.41
N SER A 130 4.39 6.94 19.36
CA SER A 130 3.89 7.43 18.10
C SER A 130 4.79 8.51 17.49
N GLY A 131 5.91 8.84 18.11
CA GLY A 131 6.72 9.88 17.54
C GLY A 131 7.68 9.39 16.47
N THR A 132 8.93 9.79 16.63
CA THR A 132 10.02 9.43 15.76
C THR A 132 10.60 8.07 16.15
N SER A 133 11.44 7.52 15.27
CA SER A 133 12.00 6.21 15.55
C SER A 133 12.84 6.20 16.80
N GLU A 134 13.60 7.28 17.03
CA GLU A 134 14.42 7.30 18.23
C GLU A 134 13.52 7.33 19.48
N GLN A 135 12.39 8.03 19.39
CA GLN A 135 11.43 8.08 20.48
C GLN A 135 10.81 6.71 20.75
N THR A 136 10.33 6.04 19.68
CA THR A 136 9.81 4.68 19.81
C THR A 136 10.85 3.76 20.42
N LYS A 137 12.11 3.92 20.00
CA LYS A 137 13.19 3.10 20.54
C LYS A 137 13.36 3.35 22.04
N ALA A 138 13.20 4.60 22.47
CA ALA A 138 13.29 4.86 23.89
C ALA A 138 12.21 4.06 24.64
N VAL A 139 11.01 3.97 24.07
CA VAL A 139 9.96 3.18 24.72
C VAL A 139 10.33 1.69 24.71
N VAL A 140 10.74 1.17 23.56
CA VAL A 140 11.18 -0.22 23.51
C VAL A 140 12.35 -0.45 24.45
N ASP A 141 13.33 0.46 24.48
CA ASP A 141 14.47 0.22 25.36
C ASP A 141 14.09 0.24 26.85
N GLY A 142 13.02 0.94 27.21
CA GLY A 142 12.50 0.88 28.59
C GLY A 142 11.81 -0.40 28.98
N GLY A 143 11.76 -1.41 28.11
CA GLY A 143 11.04 -2.63 28.44
C GLY A 143 9.53 -2.58 28.22
N ALA A 144 9.05 -1.65 27.41
CA ALA A 144 7.61 -1.50 27.26
C ALA A 144 6.95 -2.68 26.56
N ILE A 145 7.65 -3.43 25.73
CA ILE A 145 6.95 -4.36 24.85
C ILE A 145 6.23 -5.44 25.63
N PRO A 146 6.92 -6.18 26.52
CA PRO A 146 6.21 -7.23 27.28
C PRO A 146 5.23 -6.67 28.30
N ALA A 147 5.49 -5.50 28.84
CA ALA A 147 4.54 -4.87 29.73
C ALA A 147 3.24 -4.56 29.00
N PHE A 148 3.33 -4.04 27.79
CA PHE A 148 2.11 -3.84 27.00
C PHE A 148 1.43 -5.16 26.63
N ILE A 149 2.19 -6.18 26.24
CA ILE A 149 1.56 -7.45 25.89
C ILE A 149 0.75 -8.00 27.06
N SER A 150 1.32 -7.94 28.26
CA SER A 150 0.59 -8.30 29.48
C SER A 150 -0.72 -7.54 29.63
N LEU A 151 -0.72 -6.25 29.30
CA LEU A 151 -1.93 -5.45 29.44
C LEU A 151 -3.01 -5.78 28.41
N LEU A 152 -2.70 -6.57 27.39
CA LEU A 152 -3.74 -6.99 26.47
C LEU A 152 -4.79 -7.80 27.19
N ALA A 153 -4.41 -8.43 28.30
CA ALA A 153 -5.35 -9.21 29.12
C ALA A 153 -6.09 -8.36 30.14
N SER A 154 -5.84 -7.07 30.23
CA SER A 154 -6.51 -6.31 31.26
C SER A 154 -8.02 -6.48 31.14
N PRO A 155 -8.75 -6.53 32.26
CA PRO A 155 -10.21 -6.52 32.17
C PRO A 155 -10.79 -5.16 31.93
N HIS A 156 -9.95 -4.12 31.89
CA HIS A 156 -10.38 -2.78 31.53
C HIS A 156 -10.15 -2.54 30.04
N ALA A 157 -11.26 -2.46 29.30
CA ALA A 157 -11.20 -2.38 27.86
C ALA A 157 -10.33 -1.21 27.42
N HIS A 158 -10.44 -0.10 28.13
CA HIS A 158 -9.78 1.11 27.68
C HIS A 158 -8.28 1.05 27.94
N ILE A 159 -7.88 0.18 28.85
CA ILE A 159 -6.48 -0.07 29.08
C ILE A 159 -5.92 -1.05 28.05
N SER A 160 -6.62 -2.15 27.80
CA SER A 160 -6.12 -3.07 26.78
C SER A 160 -6.13 -2.40 25.41
N GLU A 161 -7.08 -1.52 25.17
CA GLU A 161 -7.07 -0.76 23.92
C GLU A 161 -5.81 0.09 23.81
N GLN A 162 -5.43 0.78 24.89
CA GLN A 162 -4.20 1.56 24.85
C GLN A 162 -3.02 0.66 24.53
N ALA A 163 -3.01 -0.53 25.12
CA ALA A 163 -1.92 -1.44 24.85
C ALA A 163 -1.92 -1.89 23.39
N VAL A 164 -3.11 -2.04 22.78
CA VAL A 164 -3.19 -2.37 21.35
C VAL A 164 -2.56 -1.26 20.53
N TRP A 165 -2.93 -0.01 20.82
N TRP A 165 -2.98 -0.02 20.81
CA TRP A 165 -2.43 1.10 20.04
CA TRP A 165 -2.45 1.17 20.14
C TRP A 165 -0.93 1.31 20.25
C TRP A 165 -0.94 1.23 20.25
N ALA A 166 -0.42 1.03 21.46
CA ALA A 166 1.02 1.15 21.69
C ALA A 166 1.81 0.16 20.87
N LEU A 167 1.31 -1.08 20.81
CA LEU A 167 2.01 -2.12 20.07
C LEU A 167 1.93 -1.88 18.57
N GLY A 168 0.82 -1.33 18.08
CA GLY A 168 0.76 -0.93 16.67
C GLY A 168 1.81 0.10 16.30
N ASN A 169 2.00 1.12 17.16
CA ASN A 169 3.03 2.14 16.93
C ASN A 169 4.44 1.56 16.97
N ILE A 170 4.73 0.70 17.95
CA ILE A 170 6.05 0.07 17.99
C ILE A 170 6.26 -0.82 16.77
N ALA A 171 5.33 -1.73 16.51
CA ALA A 171 5.49 -2.60 15.35
C ALA A 171 5.58 -1.82 14.05
N GLY A 172 4.88 -0.70 13.93
CA GLY A 172 4.88 0.04 12.68
C GLY A 172 6.17 0.74 12.41
N ASP A 173 7.01 0.91 13.43
CA ASP A 173 8.21 1.70 13.22
C ASP A 173 9.15 1.04 12.23
N GLY A 174 9.18 -0.29 12.19
CA GLY A 174 9.99 -0.95 11.20
C GLY A 174 10.02 -2.45 11.42
N SER A 175 10.73 -3.11 10.51
CA SER A 175 10.77 -4.57 10.48
C SER A 175 11.31 -5.15 11.77
N ALA A 176 12.37 -4.56 12.33
CA ALA A 176 13.00 -5.19 13.48
C ALA A 176 12.10 -5.14 14.70
N PHE A 177 11.51 -3.96 14.96
CA PHE A 177 10.56 -3.86 16.07
C PHE A 177 9.28 -4.66 15.78
N ARG A 178 8.86 -4.71 14.52
CA ARG A 178 7.76 -5.58 14.17
C ARG A 178 8.07 -7.00 14.62
N ASP A 179 9.20 -7.54 14.18
CA ASP A 179 9.54 -8.92 14.54
C ASP A 179 9.80 -9.07 16.03
N LEU A 180 10.32 -8.03 16.71
CA LEU A 180 10.47 -8.12 18.16
C LEU A 180 9.12 -8.22 18.86
N VAL A 181 8.15 -7.42 18.43
CA VAL A 181 6.81 -7.51 19.01
C VAL A 181 6.27 -8.92 18.87
N ILE A 182 6.50 -9.53 17.70
CA ILE A 182 6.02 -10.89 17.44
C ILE A 182 6.76 -11.87 18.33
N LYS A 183 8.07 -11.69 18.49
CA LYS A 183 8.85 -12.60 19.31
C LYS A 183 8.41 -12.56 20.78
N HIS A 184 7.99 -11.40 21.28
CA HIS A 184 7.47 -11.34 22.65
C HIS A 184 6.07 -11.89 22.77
N GLY A 185 5.44 -12.37 21.69
CA GLY A 185 4.18 -13.08 21.80
C GLY A 185 2.92 -12.26 21.61
N ALA A 186 2.98 -11.17 20.87
CA ALA A 186 1.79 -10.33 20.82
C ALA A 186 0.66 -10.92 19.99
N ILE A 187 0.93 -11.83 19.07
CA ILE A 187 -0.11 -12.15 18.10
C ILE A 187 -1.25 -12.91 18.77
N ASP A 188 -0.95 -13.95 19.55
CA ASP A 188 -2.03 -14.71 20.19
C ASP A 188 -2.97 -13.80 20.96
N PRO A 189 -2.49 -13.03 21.95
CA PRO A 189 -3.42 -12.21 22.71
C PRO A 189 -4.17 -11.19 21.87
N LEU A 190 -3.56 -10.66 20.79
CA LEU A 190 -4.28 -9.71 19.96
C LEU A 190 -5.43 -10.39 19.24
N LEU A 191 -5.18 -11.54 18.64
CA LEU A 191 -6.21 -12.23 17.90
C LEU A 191 -7.32 -12.70 18.84
N ALA A 192 -6.96 -13.04 20.09
CA ALA A 192 -7.97 -13.48 21.04
C ALA A 192 -8.95 -12.36 21.34
N LEU A 193 -8.52 -11.11 21.24
CA LEU A 193 -9.46 -10.04 21.49
C LEU A 193 -10.53 -9.95 20.40
N LEU A 194 -10.31 -10.61 19.26
CA LEU A 194 -11.24 -10.62 18.15
C LEU A 194 -11.99 -11.95 18.02
N ALA A 195 -11.80 -12.86 18.96
CA ALA A 195 -12.43 -14.19 18.89
C ALA A 195 -13.84 -14.10 19.47
N VAL A 196 -14.70 -13.42 18.72
CA VAL A 196 -16.09 -13.24 19.10
C VAL A 196 -16.90 -13.69 17.90
N PRO A 197 -18.12 -14.19 18.10
CA PRO A 197 -18.91 -14.67 16.96
C PRO A 197 -19.29 -13.57 15.98
N ASP A 198 -19.47 -12.32 16.42
CA ASP A 198 -19.85 -11.21 15.54
C ASP A 198 -19.01 -10.01 15.95
N LEU A 199 -18.08 -9.60 15.09
CA LEU A 199 -17.26 -8.43 15.33
C LEU A 199 -18.08 -7.19 15.67
N SER A 200 -19.34 -7.15 15.27
CA SER A 200 -20.14 -5.94 15.46
C SER A 200 -20.53 -5.71 16.92
N THR A 201 -20.35 -6.71 17.80
CA THR A 201 -20.57 -6.46 19.20
C THR A 201 -19.40 -5.76 19.88
N LEU A 202 -18.25 -5.64 19.22
CA LEU A 202 -17.12 -4.93 19.82
C LEU A 202 -17.30 -3.44 19.60
N ALA A 203 -16.83 -2.66 20.57
CA ALA A 203 -16.81 -1.22 20.39
C ALA A 203 -16.07 -0.81 19.13
N CYS A 204 -16.64 0.18 18.46
CA CYS A 204 -16.13 0.61 17.17
C CYS A 204 -14.67 1.04 17.27
N GLY A 205 -14.36 1.96 18.18
CA GLY A 205 -13.00 2.43 18.30
C GLY A 205 -12.03 1.30 18.55
N TYR A 206 -12.42 0.37 19.43
CA TYR A 206 -11.58 -0.76 19.81
C TYR A 206 -11.26 -1.66 18.61
N LEU A 207 -12.27 -1.97 17.81
CA LEU A 207 -12.07 -2.82 16.62
C LEU A 207 -11.16 -2.15 15.61
N ARG A 208 -11.37 -0.85 15.38
CA ARG A 208 -10.51 -0.08 14.50
C ARG A 208 -9.06 -0.11 14.95
N ASN A 209 -8.84 -0.06 16.26
CA ASN A 209 -7.47 -0.05 16.73
C ASN A 209 -6.83 -1.40 16.58
N LEU A 210 -7.60 -2.48 16.82
CA LEU A 210 -7.05 -3.82 16.61
C LEU A 210 -6.70 -4.03 15.16
N THR A 211 -7.61 -3.64 14.25
CA THR A 211 -7.34 -3.79 12.83
C THR A 211 -6.08 -3.05 12.43
N TRP A 212 -5.94 -1.79 12.87
CA TRP A 212 -4.77 -1.00 12.52
C TRP A 212 -3.49 -1.64 13.04
N THR A 213 -3.51 -2.11 14.26
CA THR A 213 -2.31 -2.71 14.81
C THR A 213 -1.97 -4.01 14.07
N LEU A 214 -2.97 -4.84 13.76
CA LEU A 214 -2.69 -6.02 12.94
C LEU A 214 -2.09 -5.66 11.60
N SER A 215 -2.57 -4.58 10.97
CA SER A 215 -2.01 -4.24 9.68
C SER A 215 -0.54 -3.85 9.82
N ASN A 216 -0.16 -3.20 10.92
CA ASN A 216 1.25 -2.86 11.09
C ASN A 216 2.12 -4.08 11.34
N LEU A 217 1.55 -5.17 11.83
CA LEU A 217 2.32 -6.40 11.97
C LEU A 217 2.52 -7.09 10.63
N CYS A 218 1.71 -6.72 9.64
CA CYS A 218 1.84 -7.18 8.26
C CYS A 218 2.74 -6.30 7.42
N ARG A 219 3.22 -5.21 7.99
CA ARG A 219 3.82 -4.14 7.22
C ARG A 219 5.35 -4.27 7.16
N ASN A 220 5.94 -3.74 6.07
CA ASN A 220 7.37 -3.51 5.87
C ASN A 220 8.03 -4.76 5.32
N LYS A 221 9.19 -4.58 4.72
CA LYS A 221 9.93 -5.63 4.03
C LYS A 221 11.40 -5.58 4.45
N ASN A 222 12.20 -6.42 3.82
CA ASN A 222 13.61 -6.56 4.21
C ASN A 222 13.75 -6.65 5.73
N PRO A 223 13.27 -7.72 6.31
CA PRO A 223 12.51 -8.78 5.66
C PRO A 223 11.01 -8.56 5.79
N ALA A 224 10.26 -9.33 5.04
CA ALA A 224 8.83 -9.38 5.21
C ALA A 224 8.53 -10.14 6.50
N PRO A 225 7.32 -10.01 7.01
CA PRO A 225 7.02 -10.61 8.31
C PRO A 225 7.20 -12.12 8.28
N PRO A 226 7.39 -12.75 9.42
CA PRO A 226 7.60 -14.20 9.42
C PRO A 226 6.41 -14.93 8.82
N LEU A 227 6.70 -15.97 8.01
CA LEU A 227 5.65 -16.74 7.36
C LEU A 227 4.65 -17.29 8.35
N ASP A 228 5.14 -17.89 9.43
CA ASP A 228 4.25 -18.45 10.45
C ASP A 228 3.36 -17.39 11.08
N ALA A 229 3.84 -16.14 11.19
CA ALA A 229 3.01 -15.09 11.75
C ALA A 229 1.93 -14.65 10.75
N VAL A 230 2.28 -14.57 9.48
CA VAL A 230 1.30 -14.22 8.45
C VAL A 230 0.19 -15.25 8.40
N GLU A 231 0.54 -16.53 8.44
CA GLU A 231 -0.48 -17.56 8.42
C GLU A 231 -1.36 -17.48 9.64
N GLN A 232 -0.81 -17.02 10.74
CA GLN A 232 -1.58 -16.95 11.98
C GLN A 232 -2.63 -15.84 11.89
N ILE A 233 -2.24 -14.73 11.29
CA ILE A 233 -3.07 -13.54 11.25
C ILE A 233 -4.08 -13.58 10.12
N LEU A 234 -3.74 -14.24 9.01
CA LEU A 234 -4.53 -14.10 7.79
C LEU A 234 -5.99 -14.43 7.97
N PRO A 235 -6.37 -15.53 8.64
CA PRO A 235 -7.80 -15.81 8.83
C PRO A 235 -8.54 -14.70 9.52
N THR A 236 -7.93 -14.02 10.50
CA THR A 236 -8.60 -12.89 11.11
C THR A 236 -8.73 -11.73 10.13
N LEU A 237 -7.66 -11.45 9.40
CA LEU A 237 -7.74 -10.45 8.34
C LEU A 237 -8.87 -10.73 7.35
N VAL A 238 -9.06 -11.99 6.96
CA VAL A 238 -10.11 -12.33 5.99
C VAL A 238 -11.48 -11.91 6.54
N ARG A 239 -11.71 -12.17 7.83
CA ARG A 239 -12.93 -11.80 8.52
CA ARG A 239 -12.94 -11.80 8.48
C ARG A 239 -13.08 -10.27 8.61
N LEU A 240 -12.02 -9.57 8.99
CA LEU A 240 -12.08 -8.11 9.03
C LEU A 240 -12.37 -7.52 7.64
N LEU A 241 -11.92 -8.19 6.59
CA LEU A 241 -12.15 -7.67 5.26
C LEU A 241 -13.62 -7.73 4.87
N HIS A 242 -14.44 -8.40 5.66
CA HIS A 242 -15.89 -8.51 5.43
C HIS A 242 -16.68 -7.72 6.45
N HIS A 243 -16.02 -6.97 7.32
CA HIS A 243 -16.69 -6.10 8.26
C HIS A 243 -17.14 -4.83 7.56
N ASN A 244 -18.29 -4.32 7.94
CA ASN A 244 -18.87 -3.17 7.25
C ASN A 244 -18.56 -1.85 7.94
N ASP A 245 -17.35 -1.60 8.38
CA ASP A 245 -16.90 -0.27 8.79
C ASP A 245 -15.87 0.23 7.80
N PRO A 246 -16.04 1.41 7.23
CA PRO A 246 -15.08 1.86 6.20
C PRO A 246 -13.63 1.88 6.66
N GLU A 247 -13.35 2.20 7.94
CA GLU A 247 -11.96 2.25 8.38
C GLU A 247 -11.38 0.86 8.60
N VAL A 248 -12.14 -0.04 9.24
CA VAL A 248 -11.69 -1.42 9.37
C VAL A 248 -11.37 -1.98 7.99
N LEU A 249 -12.23 -1.69 7.02
CA LEU A 249 -12.03 -2.18 5.65
C LEU A 249 -10.80 -1.54 5.02
N ALA A 250 -10.60 -0.24 5.20
CA ALA A 250 -9.39 0.36 4.63
C ALA A 250 -8.13 -0.29 5.19
N ASP A 251 -8.06 -0.45 6.51
CA ASP A 251 -6.85 -0.95 7.14
C ASP A 251 -6.61 -2.42 6.83
N SER A 252 -7.71 -3.17 6.67
CA SER A 252 -7.65 -4.56 6.24
C SER A 252 -7.07 -4.66 4.84
N CYS A 253 -7.55 -3.80 3.92
CA CYS A 253 -6.96 -3.74 2.59
C CYS A 253 -5.52 -3.32 2.67
N TRP A 254 -5.17 -2.38 3.55
CA TRP A 254 -3.75 -2.04 3.63
C TRP A 254 -2.96 -3.28 4.03
N ALA A 255 -3.42 -4.00 5.05
CA ALA A 255 -2.71 -5.20 5.50
C ALA A 255 -2.53 -6.18 4.35
N ILE A 256 -3.59 -6.42 3.57
CA ILE A 256 -3.48 -7.35 2.46
C ILE A 256 -2.55 -6.82 1.39
N SER A 257 -2.52 -5.51 1.21
CA SER A 257 -1.65 -4.95 0.20
C SER A 257 -0.19 -5.14 0.59
N TYR A 258 0.13 -4.99 1.89
CA TYR A 258 1.51 -5.27 2.32
C TYR A 258 1.87 -6.72 2.12
N LEU A 259 0.96 -7.63 2.44
CA LEU A 259 1.30 -9.04 2.36
C LEU A 259 1.51 -9.49 0.93
N THR A 260 0.86 -8.82 -0.04
CA THR A 260 0.98 -9.16 -1.44
C THR A 260 2.11 -8.42 -2.13
N ASP A 261 2.76 -7.50 -1.44
CA ASP A 261 3.89 -6.77 -1.99
C ASP A 261 5.16 -7.60 -1.79
N GLY A 262 5.26 -8.69 -2.54
CA GLY A 262 6.42 -9.55 -2.44
C GLY A 262 6.47 -10.61 -3.52
N PRO A 263 7.30 -11.62 -3.30
CA PRO A 263 7.41 -12.72 -4.26
C PRO A 263 6.12 -13.51 -4.33
N ASN A 264 6.04 -14.33 -5.38
CA ASN A 264 4.78 -14.97 -5.73
C ASN A 264 4.31 -15.92 -4.65
N GLU A 265 5.23 -16.43 -3.83
CA GLU A 265 4.83 -17.31 -2.73
C GLU A 265 4.04 -16.54 -1.68
N ARG A 266 4.42 -15.28 -1.44
CA ARG A 266 3.64 -14.45 -0.51
C ARG A 266 2.27 -14.14 -1.08
N ILE A 267 2.21 -13.71 -2.34
CA ILE A 267 0.93 -13.51 -3.02
C ILE A 267 0.06 -14.75 -2.88
N GLU A 268 0.65 -15.92 -3.13
CA GLU A 268 -0.13 -17.17 -3.08
C GLU A 268 -0.75 -17.43 -1.70
N MET A 269 -0.01 -17.15 -0.61
CA MET A 269 -0.61 -17.30 0.73
C MET A 269 -1.90 -16.51 0.83
N VAL A 270 -1.92 -15.32 0.26
CA VAL A 270 -3.12 -14.48 0.33
C VAL A 270 -4.19 -14.99 -0.64
N VAL A 271 -3.83 -15.23 -1.89
CA VAL A 271 -4.82 -15.63 -2.90
C VAL A 271 -5.48 -16.97 -2.50
N LYS A 272 -4.71 -17.88 -1.87
CA LYS A 272 -5.30 -19.14 -1.40
C LYS A 272 -6.42 -18.93 -0.41
N LYS A 273 -6.37 -17.85 0.40
CA LYS A 273 -7.43 -17.67 1.38
C LYS A 273 -8.74 -17.15 0.74
N GLY A 274 -8.76 -16.92 -0.57
CA GLY A 274 -10.00 -16.60 -1.25
C GLY A 274 -10.45 -15.17 -1.21
N VAL A 275 -9.54 -14.22 -0.95
CA VAL A 275 -9.94 -12.83 -0.74
C VAL A 275 -10.10 -11.99 -2.02
N VAL A 276 -9.71 -12.51 -3.18
CA VAL A 276 -9.68 -11.67 -4.39
C VAL A 276 -11.08 -11.18 -4.75
N PRO A 277 -12.13 -11.99 -4.69
CA PRO A 277 -13.46 -11.45 -4.99
C PRO A 277 -13.86 -10.31 -4.06
N GLN A 278 -13.56 -10.41 -2.78
CA GLN A 278 -13.85 -9.33 -1.87
C GLN A 278 -13.00 -8.10 -2.16
N LEU A 279 -11.73 -8.29 -2.50
CA LEU A 279 -10.91 -7.14 -2.87
C LEU A 279 -11.49 -6.43 -4.08
N VAL A 280 -12.01 -7.18 -5.06
CA VAL A 280 -12.57 -6.56 -6.24
C VAL A 280 -13.84 -5.81 -5.90
N LYS A 281 -14.69 -6.38 -5.05
CA LYS A 281 -15.83 -5.65 -4.52
C LYS A 281 -15.40 -4.34 -3.87
N LEU A 282 -14.33 -4.38 -3.09
CA LEU A 282 -13.92 -3.14 -2.43
C LEU A 282 -13.32 -2.18 -3.43
N LEU A 283 -12.81 -2.69 -4.54
CA LEU A 283 -12.32 -1.84 -5.61
C LEU A 283 -13.40 -0.89 -6.13
N GLY A 284 -14.66 -1.28 -6.01
CA GLY A 284 -15.77 -0.47 -6.46
C GLY A 284 -16.40 0.36 -5.36
N ALA A 285 -15.77 0.46 -4.20
CA ALA A 285 -16.30 1.26 -3.13
C ALA A 285 -16.36 2.74 -3.52
N THR A 286 -17.22 3.49 -2.83
CA THR A 286 -17.27 4.93 -3.05
C THR A 286 -16.19 5.65 -2.25
N GLU A 287 -15.72 5.03 -1.17
CA GLU A 287 -14.77 5.67 -0.28
C GLU A 287 -13.37 5.49 -0.82
N LEU A 288 -12.73 6.59 -1.19
CA LEU A 288 -11.35 6.54 -1.68
C LEU A 288 -10.39 5.88 -0.71
N PRO A 289 -10.54 6.02 0.62
CA PRO A 289 -9.59 5.34 1.52
C PRO A 289 -9.73 3.84 1.47
N ILE A 290 -10.84 3.32 0.94
CA ILE A 290 -10.93 1.90 0.66
C ILE A 290 -10.36 1.56 -0.71
N VAL A 291 -10.77 2.29 -1.74
CA VAL A 291 -10.34 1.95 -3.09
C VAL A 291 -8.82 1.96 -3.18
N THR A 292 -8.19 2.93 -2.56
CA THR A 292 -6.74 3.08 -2.72
C THR A 292 -5.99 1.81 -2.34
N PRO A 293 -6.19 1.22 -1.14
CA PRO A 293 -5.45 -0.02 -0.83
C PRO A 293 -6.02 -1.24 -1.51
N ALA A 294 -7.32 -1.25 -1.83
CA ALA A 294 -7.83 -2.38 -2.59
C ALA A 294 -7.12 -2.45 -3.94
N LEU A 295 -6.87 -1.29 -4.54
CA LEU A 295 -6.24 -1.25 -5.84
C LEU A 295 -4.76 -1.55 -5.75
N ARG A 296 -4.12 -1.12 -4.67
CA ARG A 296 -2.73 -1.49 -4.40
C ARG A 296 -2.58 -3.00 -4.27
N ALA A 297 -3.51 -3.65 -3.57
CA ALA A 297 -3.45 -5.09 -3.40
C ALA A 297 -3.64 -5.82 -4.72
N ILE A 298 -4.69 -5.48 -5.47
CA ILE A 298 -4.92 -6.10 -6.77
C ILE A 298 -3.73 -5.83 -7.71
N GLY A 299 -3.20 -4.61 -7.69
CA GLY A 299 -2.02 -4.30 -8.48
C GLY A 299 -0.84 -5.18 -8.11
N ASN A 300 -0.69 -5.48 -6.83
CA ASN A 300 0.36 -6.39 -6.38
C ASN A 300 0.12 -7.81 -6.88
N ILE A 301 -1.13 -8.28 -6.79
CA ILE A 301 -1.40 -9.67 -7.11
C ILE A 301 -1.06 -9.93 -8.58
N VAL A 302 -1.29 -8.94 -9.46
CA VAL A 302 -1.04 -9.18 -10.87
C VAL A 302 0.41 -9.02 -11.24
N THR A 303 1.30 -8.71 -10.30
CA THR A 303 2.72 -8.92 -10.60
C THR A 303 3.13 -10.37 -10.45
N GLY A 304 2.22 -11.26 -10.08
CA GLY A 304 2.53 -12.67 -9.86
C GLY A 304 2.41 -13.50 -11.12
N THR A 305 1.97 -14.76 -10.95
CA THR A 305 1.88 -15.68 -12.06
C THR A 305 0.64 -15.37 -12.87
N ASP A 306 0.57 -15.98 -14.06
CA ASP A 306 -0.60 -15.87 -14.91
C ASP A 306 -1.82 -16.43 -14.21
N GLU A 307 -1.63 -17.53 -13.48
CA GLU A 307 -2.75 -18.12 -12.75
C GLU A 307 -3.22 -17.20 -11.63
N GLN A 308 -2.30 -16.50 -10.97
CA GLN A 308 -2.71 -15.56 -9.93
C GLN A 308 -3.37 -14.34 -10.56
N THR A 309 -2.81 -13.83 -11.66
CA THR A 309 -3.46 -12.77 -12.42
C THR A 309 -4.86 -13.18 -12.88
N GLN A 310 -5.02 -14.44 -13.28
CA GLN A 310 -6.34 -14.88 -13.75
C GLN A 310 -7.38 -14.83 -12.65
N LYS A 311 -6.99 -15.04 -11.38
CA LYS A 311 -8.01 -14.96 -10.34
C LYS A 311 -8.60 -13.56 -10.29
N VAL A 312 -7.75 -12.55 -10.45
CA VAL A 312 -8.21 -11.18 -10.46
C VAL A 312 -9.20 -10.97 -11.60
N ILE A 313 -8.85 -11.41 -12.80
CA ILE A 313 -9.74 -11.28 -13.95
C ILE A 313 -11.03 -12.05 -13.70
N ASP A 314 -10.91 -13.31 -13.25
CA ASP A 314 -12.11 -14.11 -13.05
C ASP A 314 -13.05 -13.45 -12.05
N ALA A 315 -12.49 -12.75 -11.08
CA ALA A 315 -13.28 -12.11 -10.03
C ALA A 315 -14.03 -10.87 -10.50
N GLY A 316 -13.85 -10.44 -11.75
CA GLY A 316 -14.55 -9.27 -12.27
C GLY A 316 -13.80 -7.97 -12.24
N ALA A 317 -12.50 -8.00 -11.99
CA ALA A 317 -11.81 -6.75 -11.72
C ALA A 317 -11.89 -5.81 -12.90
N LEU A 318 -11.85 -6.35 -14.12
CA LEU A 318 -11.71 -5.51 -15.30
C LEU A 318 -12.95 -4.64 -15.51
N ALA A 319 -14.10 -5.05 -14.99
CA ALA A 319 -15.28 -4.24 -15.20
C ALA A 319 -15.25 -2.93 -14.40
N VAL A 320 -14.36 -2.81 -13.42
CA VAL A 320 -14.20 -1.56 -12.67
C VAL A 320 -13.22 -0.61 -13.33
N PHE A 321 -12.44 -1.07 -14.32
CA PHE A 321 -11.37 -0.23 -14.81
C PHE A 321 -11.83 0.94 -15.68
N PRO A 322 -13.01 0.90 -16.31
CA PRO A 322 -13.48 2.14 -16.95
C PRO A 322 -13.45 3.32 -16.00
N SER A 323 -13.96 3.15 -14.77
CA SER A 323 -13.90 4.24 -13.80
C SER A 323 -12.49 4.46 -13.29
N LEU A 324 -11.74 3.38 -13.00
CA LEU A 324 -10.42 3.58 -12.41
C LEU A 324 -9.52 4.33 -13.36
N LEU A 325 -9.61 4.02 -14.66
CA LEU A 325 -8.74 4.64 -15.65
C LEU A 325 -9.15 6.07 -15.99
N THR A 326 -10.29 6.55 -15.50
CA THR A 326 -10.70 7.94 -15.63
C THR A 326 -10.86 8.63 -14.28
N ASN A 327 -10.37 8.03 -13.23
CA ASN A 327 -10.60 8.53 -11.91
C ASN A 327 -9.93 9.90 -11.73
N PRO A 328 -10.59 10.86 -11.10
CA PRO A 328 -9.96 12.17 -10.92
C PRO A 328 -8.79 12.20 -9.92
N LYS A 329 -8.59 11.20 -9.05
CA LYS A 329 -7.35 11.14 -8.24
C LYS A 329 -6.19 10.53 -9.04
N THR A 330 -5.13 11.32 -9.28
CA THR A 330 -4.07 10.90 -10.21
C THR A 330 -3.41 9.60 -9.78
N ASN A 331 -3.29 9.34 -8.48
CA ASN A 331 -2.67 8.10 -8.05
C ASN A 331 -3.54 6.89 -8.37
N ILE A 332 -4.86 7.02 -8.29
CA ILE A 332 -5.71 5.90 -8.69
C ILE A 332 -5.48 5.58 -10.16
N GLN A 333 -5.39 6.61 -11.01
CA GLN A 333 -5.20 6.41 -12.44
C GLN A 333 -3.85 5.78 -12.74
N LYS A 334 -2.78 6.32 -12.13
CA LYS A 334 -1.46 5.72 -12.28
C LYS A 334 -1.47 4.24 -11.90
N GLU A 335 -2.01 3.96 -10.72
CA GLU A 335 -1.97 2.60 -10.19
C GLU A 335 -2.83 1.66 -11.03
N ALA A 336 -3.94 2.17 -11.54
CA ALA A 336 -4.82 1.36 -12.38
C ALA A 336 -4.16 1.07 -13.70
N THR A 337 -3.48 2.07 -14.28
CA THR A 337 -2.78 1.86 -15.52
C THR A 337 -1.60 0.90 -15.37
N ARG A 338 -0.88 0.97 -14.24
CA ARG A 338 0.19 0.02 -13.99
C ARG A 338 -0.35 -1.41 -13.89
N THR A 339 -1.46 -1.57 -13.16
CA THR A 339 -2.14 -2.86 -13.10
C THR A 339 -2.48 -3.36 -14.51
N MET A 340 -3.01 -2.47 -15.36
CA MET A 340 -3.26 -2.84 -16.75
C MET A 340 -1.99 -3.29 -17.45
N SER A 341 -0.87 -2.60 -17.22
CA SER A 341 0.37 -2.97 -17.91
C SER A 341 0.86 -4.33 -17.46
N ASN A 342 0.63 -4.71 -16.21
CA ASN A 342 0.99 -6.05 -15.77
C ASN A 342 0.08 -7.08 -16.39
N ILE A 343 -1.19 -6.73 -16.56
CA ILE A 343 -2.11 -7.66 -17.19
C ILE A 343 -1.79 -7.79 -18.68
N THR A 344 -1.40 -6.71 -19.33
CA THR A 344 -1.14 -6.84 -20.75
C THR A 344 0.17 -7.56 -21.01
N ALA A 345 0.96 -7.81 -19.96
CA ALA A 345 2.16 -8.62 -20.08
C ALA A 345 1.88 -10.10 -19.90
N GLY A 346 0.62 -10.49 -19.69
CA GLY A 346 0.24 -11.89 -19.53
C GLY A 346 -0.11 -12.60 -20.84
N ARG A 347 -0.87 -13.69 -20.70
CA ARG A 347 -1.25 -14.55 -21.82
C ARG A 347 -2.15 -13.81 -22.81
N GLN A 348 -2.15 -14.31 -24.05
CA GLN A 348 -2.98 -13.73 -25.09
C GLN A 348 -4.45 -13.80 -24.76
N ASP A 349 -4.88 -14.85 -24.08
CA ASP A 349 -6.29 -14.91 -23.69
C ASP A 349 -6.59 -13.89 -22.62
N GLN A 350 -5.56 -13.42 -21.91
CA GLN A 350 -5.76 -12.38 -20.91
C GLN A 350 -5.76 -11.02 -21.57
N ILE A 351 -4.85 -10.80 -22.54
CA ILE A 351 -4.96 -9.63 -23.39
C ILE A 351 -6.34 -9.56 -24.00
N GLN A 352 -6.86 -10.72 -24.43
CA GLN A 352 -8.17 -10.72 -25.06
C GLN A 352 -9.25 -10.25 -24.12
N GLN A 353 -9.06 -10.47 -22.82
CA GLN A 353 -10.10 -10.07 -21.89
C GLN A 353 -10.05 -8.58 -21.63
N VAL A 354 -8.86 -8.01 -21.71
CA VAL A 354 -8.75 -6.56 -21.72
C VAL A 354 -9.54 -5.99 -22.89
N VAL A 355 -9.25 -6.48 -24.09
CA VAL A 355 -10.03 -6.19 -25.30
C VAL A 355 -11.53 -6.31 -25.03
N ASN A 356 -11.98 -7.46 -24.54
CA ASN A 356 -13.43 -7.69 -24.51
C ASN A 356 -14.13 -6.75 -23.54
N HIS A 357 -13.48 -6.37 -22.46
CA HIS A 357 -14.07 -5.44 -21.50
C HIS A 357 -14.04 -3.99 -21.98
N GLY A 358 -13.63 -3.74 -23.23
CA GLY A 358 -13.68 -2.40 -23.78
C GLY A 358 -12.63 -1.47 -23.22
N LEU A 359 -11.51 -2.02 -22.76
CA LEU A 359 -10.51 -1.24 -22.06
C LEU A 359 -9.46 -0.64 -22.97
N VAL A 360 -9.35 -1.11 -24.20
CA VAL A 360 -8.26 -0.59 -25.02
C VAL A 360 -8.51 0.90 -25.27
N PRO A 361 -9.73 1.32 -25.60
CA PRO A 361 -9.98 2.77 -25.72
C PRO A 361 -9.60 3.55 -24.49
N PHE A 362 -9.80 2.99 -23.29
CA PHE A 362 -9.42 3.70 -22.07
C PHE A 362 -7.92 3.85 -21.98
N LEU A 363 -7.16 2.90 -22.52
CA LEU A 363 -5.71 3.05 -22.56
C LEU A 363 -5.30 4.07 -23.58
N VAL A 364 -5.96 4.06 -24.75
CA VAL A 364 -5.75 5.17 -25.69
C VAL A 364 -6.01 6.49 -24.97
N GLY A 365 -7.12 6.55 -24.23
CA GLY A 365 -7.46 7.77 -23.50
C GLY A 365 -6.36 8.22 -22.58
N VAL A 366 -5.85 7.30 -21.76
CA VAL A 366 -4.81 7.65 -20.77
C VAL A 366 -3.50 8.04 -21.46
N LEU A 367 -3.13 7.35 -22.52
CA LEU A 367 -1.97 7.77 -23.31
C LEU A 367 -2.14 9.18 -23.87
N SER A 368 -3.37 9.54 -24.25
CA SER A 368 -3.58 10.84 -24.90
C SER A 368 -3.52 12.00 -23.90
N LYS A 369 -4.07 11.82 -22.71
CA LYS A 369 -4.20 12.91 -21.77
C LYS A 369 -4.23 12.29 -20.40
N ALA A 370 -3.20 12.57 -19.63
CA ALA A 370 -3.06 12.05 -18.28
C ALA A 370 -1.85 12.76 -17.68
N ASP A 371 -1.71 12.63 -16.38
CA ASP A 371 -0.44 12.90 -15.73
C ASP A 371 0.70 12.20 -16.48
N PHE A 372 1.86 12.87 -16.57
CA PHE A 372 2.96 12.27 -17.32
C PHE A 372 3.37 10.92 -16.78
N LYS A 373 3.41 10.76 -15.46
CA LYS A 373 3.80 9.45 -14.92
C LYS A 373 2.80 8.37 -15.31
N THR A 374 1.53 8.75 -15.49
CA THR A 374 0.49 7.82 -15.92
C THR A 374 0.63 7.49 -17.42
N GLN A 375 0.87 8.50 -18.25
CA GLN A 375 1.16 8.26 -19.66
C GLN A 375 2.32 7.30 -19.82
N LYS A 376 3.32 7.41 -18.96
CA LYS A 376 4.46 6.49 -19.00
C LYS A 376 3.99 5.06 -18.69
N GLU A 377 3.21 4.88 -17.62
CA GLU A 377 2.72 3.52 -17.36
C GLU A 377 1.86 3.02 -18.50
N ALA A 378 1.13 3.93 -19.17
CA ALA A 378 0.26 3.47 -20.25
C ALA A 378 1.08 3.09 -21.46
N ALA A 379 2.20 3.77 -21.69
CA ALA A 379 3.13 3.37 -22.74
C ALA A 379 3.67 1.95 -22.49
N ARG A 380 4.09 1.67 -21.26
CA ARG A 380 4.45 0.29 -20.90
C ARG A 380 3.32 -0.69 -21.18
N ALA A 381 2.09 -0.32 -20.85
CA ALA A 381 0.99 -1.26 -21.07
C ALA A 381 0.84 -1.57 -22.54
N ILE A 382 1.17 -0.62 -23.41
CA ILE A 382 1.01 -0.82 -24.84
C ILE A 382 2.16 -1.65 -25.40
N THR A 383 3.38 -1.36 -24.96
CA THR A 383 4.51 -2.19 -25.36
C THR A 383 4.33 -3.63 -24.93
N ASN A 384 3.91 -3.86 -23.68
CA ASN A 384 3.64 -5.23 -23.28
C ASN A 384 2.57 -5.85 -24.17
N TYR A 385 1.49 -5.10 -24.41
CA TYR A 385 0.37 -5.62 -25.20
C TYR A 385 0.84 -6.05 -26.60
N THR A 386 1.70 -5.25 -27.22
CA THR A 386 2.15 -5.49 -28.57
C THR A 386 3.25 -6.54 -28.61
N SER A 387 4.04 -6.65 -27.55
CA SER A 387 4.99 -7.77 -27.44
C SER A 387 4.26 -9.13 -27.37
N GLY A 388 3.26 -9.25 -26.51
CA GLY A 388 2.57 -10.51 -26.33
C GLY A 388 1.33 -10.80 -27.17
N GLY A 389 0.78 -9.79 -27.86
CA GLY A 389 -0.50 -9.99 -28.52
C GLY A 389 -0.42 -10.73 -29.84
N THR A 390 -1.58 -11.27 -30.24
CA THR A 390 -1.75 -11.74 -31.61
C THR A 390 -1.80 -10.58 -32.58
N VAL A 391 -1.56 -10.89 -33.86
CA VAL A 391 -1.66 -9.91 -34.94
C VAL A 391 -3.04 -9.26 -34.94
N GLU A 392 -4.10 -10.06 -34.81
CA GLU A 392 -5.44 -9.50 -34.79
C GLU A 392 -5.59 -8.50 -33.64
N GLN A 393 -5.01 -8.84 -32.48
CA GLN A 393 -5.14 -7.96 -31.32
C GLN A 393 -4.38 -6.68 -31.53
N ILE A 394 -3.28 -6.75 -32.26
CA ILE A 394 -2.50 -5.56 -32.53
C ILE A 394 -3.20 -4.69 -33.57
N VAL A 395 -3.84 -5.31 -34.55
CA VAL A 395 -4.67 -4.58 -35.50
C VAL A 395 -5.72 -3.76 -34.75
N TYR A 396 -6.49 -4.42 -33.89
CA TYR A 396 -7.50 -3.77 -33.05
C TYR A 396 -6.93 -2.57 -32.31
N LEU A 397 -5.76 -2.75 -31.70
CA LEU A 397 -5.10 -1.64 -31.03
C LEU A 397 -4.90 -0.42 -31.95
N VAL A 398 -4.39 -0.64 -33.17
CA VAL A 398 -4.18 0.47 -34.10
C VAL A 398 -5.52 1.12 -34.46
N HIS A 399 -6.57 0.31 -34.65
CA HIS A 399 -7.90 0.82 -35.04
C HIS A 399 -8.55 1.66 -33.94
N CYS A 400 -8.15 1.47 -32.68
CA CYS A 400 -8.66 2.31 -31.61
C CYS A 400 -7.94 3.63 -31.50
N GLY A 401 -6.85 3.82 -32.25
CA GLY A 401 -6.21 5.10 -32.36
C GLY A 401 -4.93 5.26 -31.56
N ILE A 402 -4.19 4.18 -31.35
CA ILE A 402 -3.00 4.27 -30.50
C ILE A 402 -1.88 5.08 -31.17
N ILE A 403 -1.82 5.12 -32.50
CA ILE A 403 -0.62 5.64 -33.15
C ILE A 403 -0.41 7.11 -32.84
N GLU A 404 -1.43 7.94 -33.05
CA GLU A 404 -1.23 9.36 -32.83
C GLU A 404 -0.73 9.66 -31.43
N PRO A 405 -1.42 9.25 -30.36
CA PRO A 405 -0.92 9.60 -29.03
C PRO A 405 0.42 8.95 -28.69
N LEU A 406 0.72 7.76 -29.25
CA LEU A 406 2.08 7.24 -29.13
C LEU A 406 3.11 8.20 -29.70
N MET A 407 2.91 8.63 -30.95
CA MET A 407 3.85 9.55 -31.57
C MET A 407 4.02 10.82 -30.75
N ASN A 408 2.90 11.41 -30.31
CA ASN A 408 2.96 12.68 -29.60
C ASN A 408 3.83 12.59 -28.36
N LEU A 409 4.00 11.39 -27.80
CA LEU A 409 4.81 11.22 -26.60
C LEU A 409 6.29 11.03 -26.91
N LEU A 410 6.65 10.85 -28.17
CA LEU A 410 8.07 10.75 -28.51
C LEU A 410 8.81 12.07 -28.28
N SER A 411 8.10 13.18 -28.08
CA SER A 411 8.74 14.46 -27.79
C SER A 411 8.87 14.72 -26.30
N ALA A 412 9.04 13.68 -25.50
CA ALA A 412 9.10 13.83 -24.07
C ALA A 412 10.54 13.79 -23.58
N LYS A 413 10.78 14.43 -22.43
CA LYS A 413 12.12 14.50 -21.85
C LYS A 413 12.62 13.11 -21.48
N ASP A 414 11.79 12.32 -20.83
CA ASP A 414 12.20 11.00 -20.36
C ASP A 414 12.87 10.21 -21.48
N THR A 415 14.08 9.72 -21.21
CA THR A 415 14.74 8.81 -22.13
C THR A 415 14.04 7.44 -22.13
N LYS A 416 13.54 7.01 -20.97
CA LYS A 416 12.98 5.66 -20.87
C LYS A 416 11.67 5.53 -21.64
N ILE A 417 10.81 6.55 -21.62
CA ILE A 417 9.55 6.40 -22.32
C ILE A 417 9.81 6.31 -23.82
N ILE A 418 10.81 7.05 -24.32
CA ILE A 418 11.15 6.97 -25.73
C ILE A 418 11.56 5.55 -26.10
N GLN A 419 12.42 4.95 -25.29
CA GLN A 419 12.77 3.55 -25.55
C GLN A 419 11.52 2.69 -25.62
N VAL A 420 10.58 2.89 -24.69
CA VAL A 420 9.39 2.05 -24.59
C VAL A 420 8.51 2.25 -25.82
N ILE A 421 8.29 3.50 -26.21
CA ILE A 421 7.46 3.76 -27.38
C ILE A 421 8.09 3.16 -28.63
N LEU A 422 9.41 3.28 -28.77
CA LEU A 422 10.06 2.75 -29.96
C LEU A 422 9.92 1.24 -30.04
N ASP A 423 10.07 0.54 -28.91
CA ASP A 423 9.82 -0.89 -28.89
C ASP A 423 8.44 -1.20 -29.43
N ALA A 424 7.43 -0.47 -28.96
CA ALA A 424 6.05 -0.80 -29.35
C ALA A 424 5.83 -0.59 -30.83
N ILE A 425 6.46 0.43 -31.37
CA ILE A 425 6.35 0.74 -32.77
C ILE A 425 6.90 -0.41 -33.58
N SER A 426 8.08 -0.88 -33.16
CA SER A 426 8.66 -2.02 -33.83
C SER A 426 7.73 -3.22 -33.75
N ASN A 427 7.10 -3.44 -32.59
CA ASN A 427 6.21 -4.61 -32.48
C ASN A 427 5.02 -4.46 -33.40
N ILE A 428 4.56 -3.23 -33.62
CA ILE A 428 3.41 -3.01 -34.48
C ILE A 428 3.80 -3.24 -35.94
N PHE A 429 4.98 -2.75 -36.33
CA PHE A 429 5.47 -3.01 -37.69
C PHE A 429 5.65 -4.50 -37.93
N GLN A 430 6.16 -5.23 -36.93
CA GLN A 430 6.29 -6.67 -37.09
C GLN A 430 4.94 -7.31 -37.36
N ALA A 431 3.88 -6.78 -36.76
CA ALA A 431 2.55 -7.29 -37.11
C ALA A 431 2.12 -6.82 -38.49
N ALA A 432 2.55 -5.63 -38.89
CA ALA A 432 2.25 -5.18 -40.25
C ALA A 432 2.93 -6.05 -41.30
N GLU A 433 4.19 -6.44 -41.05
CA GLU A 433 4.90 -7.30 -42.01
C GLU A 433 4.13 -8.58 -42.28
N LYS A 434 3.66 -9.26 -41.22
CA LYS A 434 2.86 -10.47 -41.38
C LYS A 434 1.57 -10.24 -42.17
N LEU A 435 1.23 -8.99 -42.47
CA LEU A 435 0.08 -8.67 -43.32
C LEU A 435 0.49 -7.86 -44.55
N GLY A 436 1.80 -7.67 -44.77
CA GLY A 436 2.27 -6.82 -45.85
C GLY A 436 1.65 -5.44 -45.88
N GLU A 437 1.35 -4.89 -44.70
CA GLU A 437 0.71 -3.59 -44.59
C GLU A 437 1.62 -2.57 -43.93
N THR A 438 2.93 -2.76 -44.04
CA THR A 438 3.86 -1.78 -43.49
C THR A 438 3.68 -0.41 -44.11
N GLU A 439 3.35 -0.36 -45.40
CA GLU A 439 3.18 0.93 -46.07
C GLU A 439 2.03 1.72 -45.46
N LYS A 440 0.85 1.10 -45.31
CA LYS A 440 -0.29 1.82 -44.74
C LYS A 440 0.05 2.35 -43.35
N LEU A 441 0.94 1.65 -42.62
CA LEU A 441 1.34 2.07 -41.28
C LEU A 441 2.38 3.19 -41.30
N SER A 442 3.32 3.13 -42.25
CA SER A 442 4.31 4.20 -42.33
C SER A 442 3.63 5.53 -42.70
N ILE A 443 2.59 5.48 -43.53
CA ILE A 443 1.85 6.68 -43.86
C ILE A 443 1.21 7.28 -42.62
N MET A 444 0.41 6.47 -41.93
CA MET A 444 -0.16 6.85 -40.64
C MET A 444 0.87 7.59 -39.80
N ILE A 445 2.04 7.00 -39.62
CA ILE A 445 3.05 7.61 -38.77
C ILE A 445 3.57 8.88 -39.40
N GLU A 446 3.69 8.87 -40.74
CA GLU A 446 4.08 10.09 -41.45
C GLU A 446 3.01 11.17 -41.29
N GLU A 447 1.73 10.77 -41.23
CA GLU A 447 0.63 11.71 -41.26
C GLU A 447 0.38 12.45 -39.93
N CYS A 448 0.88 11.94 -38.80
CA CYS A 448 0.61 12.60 -37.53
C CYS A 448 1.90 13.06 -36.87
N GLY A 449 2.84 13.56 -37.69
CA GLY A 449 4.10 14.05 -37.18
C GLY A 449 5.04 12.97 -36.69
N GLY A 450 4.64 11.71 -36.71
CA GLY A 450 5.47 10.67 -36.15
C GLY A 450 6.86 10.63 -36.78
N LEU A 451 6.92 10.78 -38.11
CA LEU A 451 8.18 10.55 -38.80
C LEU A 451 9.21 11.63 -38.46
N ASP A 452 8.77 12.89 -38.37
CA ASP A 452 9.67 13.95 -37.93
C ASP A 452 10.31 13.58 -36.61
N LYS A 453 9.51 13.07 -35.67
CA LYS A 453 10.02 12.81 -34.34
C LYS A 453 11.06 11.71 -34.36
N ILE A 454 10.92 10.75 -35.27
CA ILE A 454 11.83 9.61 -35.27
C ILE A 454 13.13 9.95 -35.99
N GLU A 455 13.05 10.64 -37.14
CA GLU A 455 14.26 11.14 -37.77
C GLU A 455 15.15 11.85 -36.76
N ALA A 456 14.57 12.79 -36.00
CA ALA A 456 15.30 13.56 -35.01
C ALA A 456 16.00 12.69 -33.96
N LEU A 457 15.52 11.47 -33.73
CA LEU A 457 16.02 10.69 -32.61
C LEU A 457 17.30 9.92 -32.96
N GLN A 458 17.66 9.82 -34.24
CA GLN A 458 18.98 9.29 -34.59
C GLN A 458 20.07 10.07 -33.85
N ARG A 459 19.93 11.39 -33.78
CA ARG A 459 20.81 12.25 -32.98
C ARG A 459 20.24 12.37 -31.57
N HIS A 460 20.50 11.35 -30.75
CA HIS A 460 20.06 11.34 -29.36
C HIS A 460 21.16 10.80 -28.47
N GLU A 461 21.33 11.43 -27.30
CA GLU A 461 22.40 11.07 -26.36
C GLU A 461 22.49 9.56 -26.15
N ASN A 462 21.40 8.95 -25.68
CA ASN A 462 21.45 7.53 -25.37
C ASN A 462 21.79 6.71 -26.61
N GLU A 463 22.51 5.61 -26.40
CA GLU A 463 22.88 4.71 -27.49
C GLU A 463 21.64 3.99 -28.02
N SER A 464 20.90 3.32 -27.14
CA SER A 464 19.76 2.51 -27.56
C SER A 464 18.74 3.34 -28.34
N VAL A 465 18.56 4.61 -27.96
CA VAL A 465 17.64 5.47 -28.68
C VAL A 465 18.15 5.74 -30.09
N TYR A 466 19.40 6.17 -30.22
CA TYR A 466 19.99 6.36 -31.54
C TYR A 466 19.80 5.12 -32.40
N LYS A 467 20.16 3.95 -31.86
CA LYS A 467 20.15 2.73 -32.66
C LYS A 467 18.76 2.40 -33.17
N ALA A 468 17.81 2.23 -32.24
CA ALA A 468 16.44 1.85 -32.64
C ALA A 468 15.83 2.87 -33.60
N SER A 469 16.03 4.17 -33.33
CA SER A 469 15.51 5.21 -34.21
C SER A 469 15.95 4.97 -35.66
N LEU A 470 17.27 4.99 -35.89
CA LEU A 470 17.81 4.83 -37.25
C LEU A 470 17.47 3.48 -37.85
N ASN A 471 17.23 2.47 -37.00
CA ASN A 471 16.82 1.17 -37.53
C ASN A 471 15.43 1.26 -38.15
N LEU A 472 14.45 1.78 -37.41
CA LEU A 472 13.08 1.88 -37.93
C LEU A 472 13.06 2.64 -39.24
N ILE A 473 13.88 3.70 -39.35
CA ILE A 473 13.82 4.60 -40.49
C ILE A 473 14.37 3.92 -41.74
N GLU A 474 15.47 3.22 -41.58
CA GLU A 474 15.98 2.50 -42.74
C GLU A 474 15.09 1.33 -43.12
N LYS A 475 14.51 0.64 -42.13
CA LYS A 475 13.72 -0.55 -42.44
C LYS A 475 12.40 -0.18 -43.14
N TYR A 476 11.74 0.92 -42.74
CA TYR A 476 10.40 1.24 -43.23
C TYR A 476 10.27 2.64 -43.84
N PHE A 477 11.37 3.37 -44.01
CA PHE A 477 11.32 4.71 -44.60
C PHE A 477 12.55 5.02 -45.47
C1 EDO B . -8.69 -8.64 -31.32
O1 EDO B . -8.69 -10.09 -31.24
C2 EDO B . -10.11 -8.11 -31.48
O2 EDO B . -10.95 -8.67 -30.45
H11 EDO B . -8.09 -8.33 -32.17
H12 EDO B . -8.25 -8.23 -30.41
HO1 EDO B . -7.78 -10.40 -31.13
H21 EDO B . -10.51 -8.37 -32.46
H22 EDO B . -10.11 -7.02 -31.40
HO2 EDO B . -11.85 -8.32 -30.54
C1 EDO C . 8.04 22.28 30.40
O1 EDO C . 9.23 21.97 31.18
C2 EDO C . 8.24 21.90 28.92
O2 EDO C . 7.01 22.12 28.21
H11 EDO C . 7.82 23.34 30.48
H12 EDO C . 7.19 21.72 30.81
HO1 EDO C . 9.07 22.21 32.10
H21 EDO C . 8.53 20.85 28.85
H22 EDO C . 9.03 22.51 28.49
HO2 EDO C . 7.13 21.89 27.28
C1 EDO D . -4.90 3.76 43.82
O1 EDO D . -5.78 3.86 42.67
C2 EDO D . -4.88 5.06 44.67
O2 EDO D . -6.05 5.09 45.54
H11 EDO D . -5.21 2.92 44.43
H12 EDO D . -3.87 3.56 43.46
HO1 EDO D . -5.75 3.04 42.17
H21 EDO D . -3.97 5.08 45.28
H22 EDO D . -4.87 5.93 44.03
HO2 EDO D . -6.04 5.89 46.06
C1 EDO E . -18.73 -0.48 13.50
O1 EDO E . -17.69 -1.47 13.71
C2 EDO E . -19.74 -0.88 12.42
O2 EDO E . -20.50 -2.09 12.77
H11 EDO E . -19.27 -0.31 14.45
H12 EDO E . -18.27 0.47 13.23
HO1 EDO E . -17.09 -1.16 14.41
H21 EDO E . -20.44 -0.06 12.24
H22 EDO E . -19.21 -1.06 11.48
HO2 EDO E . -21.11 -2.30 12.07
C1 EDO F . 5.32 -1.12 2.82
O1 EDO F . 4.81 -0.30 3.88
C2 EDO F . 5.14 -2.60 3.15
O2 EDO F . 4.98 -3.43 1.96
H11 EDO F . 4.81 -0.89 1.88
H12 EDO F . 6.39 -0.91 2.68
HO1 EDO F . 4.93 0.63 3.65
H21 EDO F . 6.01 -2.97 3.71
H22 EDO F . 4.26 -2.73 3.78
HO2 EDO F . 4.86 -4.35 2.22
#